data_1DN2
#
_entry.id   1DN2
#
_cell.length_a   67.541
_cell.length_b   60.825
_cell.length_c   68.174
_cell.angle_alpha   90.00
_cell.angle_beta   103.87
_cell.angle_gamma   90.00
#
_symmetry.space_group_name_H-M   'P 1 21 1'
#
loop_
_entity.id
_entity.type
_entity.pdbx_description
1 polymer 'IMMUNOGLOBULIN LAMBDA HEAVY CHAIN'
2 polymer 'ENGINEERED PEPTIDE'
3 branched beta-D-galactopyranose-(1-4)-2-acetamido-2-deoxy-beta-D-glucopyranose-(1-2)-alpha-D-mannopyranose-(1-6)-[alpha-D-mannopyranose-(1-3)]beta-D-mannopyranose-(1-4)-2-acetamido-2-deoxy-beta-D-glucopyranose-(1-4)-[beta-L-fucopyranose-(1-6)]2-acetamido-2-deoxy-beta-D-glucopyranose
4 branched beta-D-galactopyranose-(1-4)-2-acetamido-2-deoxy-beta-D-glucopyranose-(1-2)-alpha-D-mannopyranose-(1-6)-[alpha-D-mannopyranose-(1-3)]beta-D-mannopyranose-(1-4)-2-acetamido-2-deoxy-beta-D-glucopyranose-(1-4)-[alpha-L-fucopyranose-(1-6)]2-acetamido-2-deoxy-beta-D-glucopyranose
5 water water
#
loop_
_entity_poly.entity_id
_entity_poly.type
_entity_poly.pdbx_seq_one_letter_code
_entity_poly.pdbx_strand_id
1 'polypeptide(L)'
;GPSVFLFPPKPKDTLMISRTPEVTCVVVDVSHENPEVKFNWYVDGVEVHNAKTKPREEQYNSTYRVVSVLTVLHQDWLNG
KEYKCKVSNKALPAPIEKTISKAKGQPREPQVYTLPPSREEMTKNQVSLTCLVKGFYPSDIAVEWESNGQPENNYKTTPP
VLDSDGSFFLYSKLTVDKSRWQQGNVFSCSVMHEALHNHYTQKSLSL
;
A,B
2 'polypeptide(L)' DCAWHLGELVWCT(NH2) E,F
#
loop_
_chem_comp.id
_chem_comp.type
_chem_comp.name
_chem_comp.formula
BMA D-saccharide, beta linking beta-D-mannopyranose 'C6 H12 O6'
FUC L-saccharide, alpha linking alpha-L-fucopyranose 'C6 H12 O5'
FUL L-saccharide, beta linking beta-L-fucopyranose 'C6 H12 O5'
GAL D-saccharide, beta linking beta-D-galactopyranose 'C6 H12 O6'
MAN D-saccharide, alpha linking alpha-D-mannopyranose 'C6 H12 O6'
NAG D-saccharide, beta linking 2-acetamido-2-deoxy-beta-D-glucopyranose 'C8 H15 N O6'
NH2 non-polymer 'AMINO GROUP' 'H2 N'
#
# COMPACT_ATOMS: atom_id res chain seq x y z
N GLY A 1 -19.04 -10.55 23.67
CA GLY A 1 -19.66 -11.42 22.62
C GLY A 1 -18.66 -11.79 21.53
N PRO A 2 -18.85 -12.93 20.87
CA PRO A 2 -17.93 -13.38 19.80
C PRO A 2 -17.96 -12.43 18.62
N SER A 3 -16.92 -12.47 17.80
CA SER A 3 -16.87 -11.63 16.62
C SER A 3 -16.57 -12.53 15.42
N VAL A 4 -17.04 -12.16 14.25
CA VAL A 4 -16.83 -12.98 13.07
C VAL A 4 -16.12 -12.27 11.92
N PHE A 5 -15.24 -13.01 11.23
CA PHE A 5 -14.50 -12.47 10.10
C PHE A 5 -14.49 -13.50 8.96
N LEU A 6 -15.02 -13.10 7.80
CA LEU A 6 -15.13 -13.97 6.63
C LEU A 6 -14.08 -13.63 5.56
N PHE A 7 -13.23 -14.60 5.26
CA PHE A 7 -12.15 -14.38 4.31
C PHE A 7 -12.31 -15.08 2.95
N PRO A 8 -11.90 -14.40 1.85
CA PRO A 8 -12.01 -14.95 0.50
C PRO A 8 -10.88 -15.92 0.24
N PRO A 9 -10.98 -16.74 -0.81
CA PRO A 9 -9.90 -17.68 -1.10
C PRO A 9 -8.68 -16.97 -1.68
N LYS A 10 -7.53 -17.62 -1.69
CA LYS A 10 -6.30 -17.04 -2.24
C LYS A 10 -6.42 -16.89 -3.75
N PRO A 11 -5.83 -15.82 -4.30
CA PRO A 11 -5.90 -15.62 -5.74
C PRO A 11 -5.39 -16.82 -6.54
N LYS A 12 -4.24 -17.36 -6.14
CA LYS A 12 -3.66 -18.53 -6.82
C LYS A 12 -4.54 -19.77 -6.79
N ASP A 13 -5.32 -19.93 -5.73
CA ASP A 13 -6.21 -21.08 -5.59
C ASP A 13 -7.43 -21.00 -6.51
N THR A 14 -7.85 -19.78 -6.82
CA THR A 14 -9.01 -19.60 -7.68
C THR A 14 -8.63 -19.64 -9.17
N LEU A 15 -7.40 -19.22 -9.48
CA LEU A 15 -6.88 -19.17 -10.85
C LEU A 15 -6.22 -20.46 -11.38
N MET A 16 -5.79 -21.35 -10.49
CA MET A 16 -5.15 -22.60 -10.89
C MET A 16 -6.11 -23.75 -10.66
N ILE A 17 -6.38 -24.52 -11.71
CA ILE A 17 -7.28 -25.66 -11.65
C ILE A 17 -6.69 -26.80 -10.83
N SER A 18 -5.38 -26.74 -10.59
CA SER A 18 -4.71 -27.77 -9.81
C SER A 18 -4.78 -27.49 -8.30
N ARG A 19 -5.48 -26.43 -7.91
CA ARG A 19 -5.60 -26.08 -6.50
C ARG A 19 -7.05 -26.04 -6.04
N THR A 20 -7.26 -26.01 -4.73
CA THR A 20 -8.61 -26.01 -4.16
C THR A 20 -8.90 -24.76 -3.28
N PRO A 21 -9.63 -23.78 -3.85
CA PRO A 21 -10.00 -22.54 -3.18
C PRO A 21 -11.02 -22.79 -2.09
N GLU A 22 -11.00 -21.96 -1.04
CA GLU A 22 -11.93 -22.12 0.06
C GLU A 22 -12.20 -20.80 0.79
N VAL A 23 -13.43 -20.66 1.28
CA VAL A 23 -13.82 -19.47 2.04
C VAL A 23 -13.70 -19.87 3.51
N THR A 24 -13.16 -18.97 4.34
CA THR A 24 -12.93 -19.25 5.75
C THR A 24 -13.70 -18.34 6.70
N CYS A 25 -14.59 -18.92 7.48
CA CYS A 25 -15.38 -18.16 8.44
C CYS A 25 -14.75 -18.33 9.83
N VAL A 26 -14.05 -17.30 10.29
CA VAL A 26 -13.35 -17.28 11.59
C VAL A 26 -14.16 -16.61 12.70
N VAL A 27 -14.35 -17.32 13.82
CA VAL A 27 -15.07 -16.76 14.96
C VAL A 27 -14.10 -16.57 16.12
N VAL A 28 -13.94 -15.33 16.56
CA VAL A 28 -13.04 -15.04 17.68
C VAL A 28 -13.81 -14.68 18.94
N ASP A 29 -13.08 -14.57 20.05
CA ASP A 29 -13.66 -14.24 21.32
C ASP A 29 -14.75 -15.20 21.76
N VAL A 30 -14.52 -16.49 21.53
CA VAL A 30 -15.48 -17.51 21.95
C VAL A 30 -15.16 -17.74 23.43
N SER A 31 -16.19 -17.83 24.27
CA SER A 31 -16.00 -18.02 25.71
C SER A 31 -15.89 -19.47 26.17
N HIS A 32 -15.29 -19.68 27.34
CA HIS A 32 -15.17 -21.03 27.87
C HIS A 32 -16.52 -21.52 28.38
N GLU A 33 -17.34 -20.59 28.88
CA GLU A 33 -18.66 -20.93 29.39
C GLU A 33 -19.57 -21.49 28.28
N ASN A 34 -19.47 -20.93 27.08
CA ASN A 34 -20.28 -21.38 25.93
C ASN A 34 -19.47 -21.43 24.62
N PRO A 35 -18.65 -22.47 24.44
CA PRO A 35 -17.81 -22.64 23.24
C PRO A 35 -18.46 -23.27 22.01
N GLU A 36 -19.71 -23.74 22.15
CA GLU A 36 -20.44 -24.37 21.07
C GLU A 36 -20.94 -23.35 20.06
N VAL A 37 -20.52 -23.48 18.80
CA VAL A 37 -20.91 -22.54 17.75
C VAL A 37 -21.54 -23.26 16.56
N LYS A 38 -22.71 -22.75 16.13
CA LYS A 38 -23.40 -23.33 14.98
C LYS A 38 -23.14 -22.50 13.73
N PHE A 39 -22.88 -23.19 12.63
CA PHE A 39 -22.63 -22.54 11.35
C PHE A 39 -23.70 -22.90 10.32
N ASN A 40 -24.15 -21.87 9.60
CA ASN A 40 -25.12 -22.04 8.52
C ASN A 40 -24.51 -21.32 7.31
N TRP A 41 -24.19 -22.08 6.27
CA TRP A 41 -23.60 -21.51 5.05
C TRP A 41 -24.62 -21.41 3.91
N TYR A 42 -24.47 -20.40 3.09
CA TYR A 42 -25.37 -20.18 1.97
C TYR A 42 -24.58 -19.73 0.76
N VAL A 43 -25.06 -20.07 -0.42
CA VAL A 43 -24.43 -19.64 -1.67
C VAL A 43 -25.59 -19.10 -2.50
N ASP A 44 -25.68 -17.76 -2.58
CA ASP A 44 -26.74 -17.07 -3.31
C ASP A 44 -28.09 -17.38 -2.69
N GLY A 45 -28.09 -17.47 -1.36
CA GLY A 45 -29.31 -17.75 -0.63
C GLY A 45 -29.56 -19.22 -0.36
N VAL A 46 -29.08 -20.09 -1.25
CA VAL A 46 -29.26 -21.53 -1.11
C VAL A 46 -28.29 -22.10 -0.08
N GLU A 47 -28.83 -22.69 0.98
CA GLU A 47 -28.02 -23.28 2.04
C GLU A 47 -27.27 -24.52 1.56
N VAL A 48 -25.97 -24.61 1.88
CA VAL A 48 -25.13 -25.76 1.51
C VAL A 48 -24.64 -26.48 2.76
N HIS A 49 -24.24 -27.74 2.60
CA HIS A 49 -23.83 -28.54 3.76
C HIS A 49 -22.46 -29.21 3.77
N ASN A 50 -21.60 -28.89 2.81
CA ASN A 50 -20.28 -29.52 2.74
C ASN A 50 -19.14 -28.85 3.51
N ALA A 51 -19.46 -27.94 4.44
CA ALA A 51 -18.41 -27.26 5.20
C ALA A 51 -17.87 -28.13 6.33
N LYS A 52 -16.60 -27.90 6.67
CA LYS A 52 -15.93 -28.64 7.74
C LYS A 52 -15.42 -27.67 8.82
N THR A 53 -15.44 -28.11 10.07
CA THR A 53 -14.95 -27.27 11.16
C THR A 53 -13.51 -27.62 11.48
N LYS A 54 -12.65 -26.61 11.54
CA LYS A 54 -11.26 -26.82 11.87
C LYS A 54 -11.20 -27.16 13.37
N PRO A 55 -10.15 -27.84 13.83
CA PRO A 55 -10.07 -28.17 15.26
C PRO A 55 -9.97 -26.90 16.13
N ARG A 56 -10.73 -26.86 17.22
CA ARG A 56 -10.76 -25.71 18.13
C ARG A 56 -9.37 -25.32 18.64
N GLU A 57 -9.15 -24.01 18.79
CA GLU A 57 -7.86 -23.52 19.23
C GLU A 57 -7.91 -22.50 20.39
N GLU A 58 -7.25 -22.86 21.49
CA GLU A 58 -7.15 -22.03 22.69
C GLU A 58 -6.21 -20.86 22.40
N GLN A 59 -6.71 -19.65 22.65
CA GLN A 59 -5.93 -18.44 22.38
C GLN A 59 -5.12 -17.89 23.56
N TYR A 60 -5.38 -18.42 24.75
CA TYR A 60 -4.67 -18.04 25.96
C TYR A 60 -4.94 -16.66 26.50
N ASN A 61 -5.94 -15.99 25.92
CA ASN A 61 -6.34 -14.66 26.39
C ASN A 61 -7.78 -14.73 26.91
N SER A 62 -8.16 -15.94 27.35
CA SER A 62 -9.49 -16.28 27.91
C SER A 62 -10.55 -16.70 26.90
N THR A 63 -10.18 -16.78 25.62
CA THR A 63 -11.13 -17.12 24.57
C THR A 63 -10.62 -18.22 23.65
N TYR A 64 -11.55 -18.75 22.86
CA TYR A 64 -11.25 -19.76 21.85
C TYR A 64 -11.38 -19.07 20.51
N ARG A 65 -11.00 -19.80 19.47
CA ARG A 65 -11.08 -19.34 18.08
C ARG A 65 -11.68 -20.56 17.38
N VAL A 66 -12.90 -20.40 16.88
CA VAL A 66 -13.61 -21.45 16.17
C VAL A 66 -13.64 -21.08 14.69
N VAL A 67 -13.26 -22.00 13.81
CA VAL A 67 -13.21 -21.73 12.38
C VAL A 67 -13.95 -22.77 11.51
N SER A 68 -14.67 -22.31 10.50
CA SER A 68 -15.36 -23.18 9.55
C SER A 68 -14.81 -22.88 8.17
N VAL A 69 -14.53 -23.93 7.40
CA VAL A 69 -13.99 -23.81 6.06
C VAL A 69 -14.96 -24.39 5.04
N LEU A 70 -15.24 -23.62 3.99
CA LEU A 70 -16.12 -24.07 2.92
C LEU A 70 -15.33 -24.08 1.62
N THR A 71 -15.31 -25.23 0.96
CA THR A 71 -14.61 -25.37 -0.31
C THR A 71 -15.51 -24.76 -1.38
N VAL A 72 -14.92 -24.05 -2.35
CA VAL A 72 -15.73 -23.47 -3.41
C VAL A 72 -15.23 -23.95 -4.76
N LEU A 73 -16.08 -23.81 -5.77
CA LEU A 73 -15.74 -24.20 -7.13
C LEU A 73 -15.13 -23.00 -7.83
N HIS A 74 -14.01 -23.22 -8.52
CA HIS A 74 -13.30 -22.15 -9.22
C HIS A 74 -14.26 -21.26 -10.00
N GLN A 75 -15.11 -21.88 -10.80
CA GLN A 75 -16.08 -21.15 -11.61
C GLN A 75 -17.15 -20.44 -10.78
N ASP A 76 -17.56 -21.02 -9.65
CA ASP A 76 -18.56 -20.37 -8.80
C ASP A 76 -18.01 -19.05 -8.26
N TRP A 77 -16.78 -19.09 -7.77
CA TRP A 77 -16.15 -17.88 -7.23
C TRP A 77 -15.95 -16.85 -8.33
N LEU A 78 -15.27 -17.26 -9.39
CA LEU A 78 -15.02 -16.37 -10.52
C LEU A 78 -16.28 -15.77 -11.13
N ASN A 79 -17.41 -16.47 -11.00
CA ASN A 79 -18.67 -15.97 -11.54
C ASN A 79 -19.43 -14.99 -10.64
N GLY A 80 -18.82 -14.63 -9.52
CA GLY A 80 -19.44 -13.66 -8.62
C GLY A 80 -20.55 -14.12 -7.70
N LYS A 81 -20.51 -15.40 -7.32
CA LYS A 81 -21.52 -15.94 -6.41
C LYS A 81 -21.24 -15.45 -4.99
N GLU A 82 -22.28 -15.23 -4.21
CA GLU A 82 -22.09 -14.74 -2.85
C GLU A 82 -22.14 -15.82 -1.81
N TYR A 83 -21.17 -15.80 -0.91
CA TYR A 83 -21.05 -16.76 0.18
C TYR A 83 -21.39 -16.10 1.52
N LYS A 84 -22.40 -16.61 2.21
CA LYS A 84 -22.81 -16.05 3.49
C LYS A 84 -22.59 -17.07 4.61
N CYS A 85 -22.02 -16.62 5.71
CA CYS A 85 -21.76 -17.46 6.87
C CYS A 85 -22.56 -16.91 8.03
N LYS A 86 -23.40 -17.74 8.63
CA LYS A 86 -24.19 -17.32 9.78
C LYS A 86 -23.64 -18.04 11.00
N VAL A 87 -23.32 -17.27 12.04
CA VAL A 87 -22.76 -17.79 13.29
C VAL A 87 -23.72 -17.61 14.46
N SER A 88 -24.01 -18.69 15.17
CA SER A 88 -24.91 -18.66 16.32
C SER A 88 -24.20 -19.20 17.56
N ASN A 89 -24.37 -18.51 18.70
CA ASN A 89 -23.73 -18.88 19.97
C ASN A 89 -24.55 -18.29 21.14
N LYS A 90 -24.73 -19.06 22.22
CA LYS A 90 -25.54 -18.59 23.34
C LYS A 90 -25.17 -17.23 23.95
N ALA A 91 -23.96 -16.74 23.71
CA ALA A 91 -23.55 -15.44 24.24
C ALA A 91 -23.80 -14.32 23.20
N LEU A 92 -24.57 -14.64 22.18
CA LEU A 92 -24.87 -13.72 21.09
C LEU A 92 -26.36 -13.48 21.09
N PRO A 93 -26.79 -12.20 21.19
CA PRO A 93 -28.22 -11.86 21.20
C PRO A 93 -28.98 -12.43 20.00
N ALA A 94 -28.38 -12.32 18.81
CA ALA A 94 -28.97 -12.82 17.56
C ALA A 94 -27.84 -13.30 16.64
N PRO A 95 -28.13 -14.27 15.76
CA PRO A 95 -27.10 -14.79 14.84
C PRO A 95 -26.40 -13.67 14.04
N ILE A 96 -25.09 -13.83 13.83
CA ILE A 96 -24.29 -12.86 13.08
C ILE A 96 -24.08 -13.40 11.69
N GLU A 97 -24.27 -12.55 10.67
CA GLU A 97 -24.10 -12.93 9.28
C GLU A 97 -23.13 -12.03 8.54
N LYS A 98 -22.16 -12.64 7.87
CA LYS A 98 -21.19 -11.91 7.07
C LYS A 98 -21.31 -12.47 5.66
N THR A 99 -21.08 -11.64 4.65
CA THR A 99 -21.16 -12.07 3.27
C THR A 99 -19.93 -11.57 2.54
N ILE A 100 -19.36 -12.43 1.69
CA ILE A 100 -18.21 -12.06 0.87
C ILE A 100 -18.27 -12.75 -0.46
N SER A 101 -17.75 -12.07 -1.48
CA SER A 101 -17.72 -12.61 -2.83
C SER A 101 -16.69 -11.79 -3.59
N LYS A 102 -16.46 -12.16 -4.84
CA LYS A 102 -15.51 -11.45 -5.69
C LYS A 102 -15.94 -10.00 -5.84
N ALA A 103 -14.98 -9.12 -6.14
CA ALA A 103 -15.28 -7.71 -6.34
C ALA A 103 -16.10 -7.60 -7.61
N LYS A 104 -17.16 -6.81 -7.57
CA LYS A 104 -18.03 -6.63 -8.74
C LYS A 104 -17.52 -5.56 -9.71
N GLY A 105 -17.61 -5.85 -11.00
CA GLY A 105 -17.14 -4.91 -12.01
C GLY A 105 -16.62 -5.73 -13.17
N GLN A 106 -16.76 -5.26 -14.39
CA GLN A 106 -16.29 -6.02 -15.54
C GLN A 106 -14.79 -6.29 -15.46
N PRO A 107 -14.39 -7.56 -15.56
CA PRO A 107 -12.98 -7.96 -15.49
C PRO A 107 -12.22 -7.41 -16.70
N ARG A 108 -11.02 -6.89 -16.47
CA ARG A 108 -10.19 -6.36 -17.54
C ARG A 108 -8.83 -7.04 -17.48
N GLU A 109 -8.31 -7.36 -18.66
CA GLU A 109 -7.02 -8.03 -18.81
C GLU A 109 -5.85 -7.11 -18.52
N PRO A 110 -4.93 -7.57 -17.66
CA PRO A 110 -3.74 -6.79 -17.30
C PRO A 110 -2.73 -6.78 -18.41
N GLN A 111 -2.11 -5.63 -18.62
CA GLN A 111 -1.08 -5.47 -19.64
C GLN A 111 0.21 -5.60 -18.85
N VAL A 112 1.09 -6.48 -19.29
CA VAL A 112 2.34 -6.73 -18.57
C VAL A 112 3.53 -6.27 -19.40
N TYR A 113 4.35 -5.37 -18.84
CA TYR A 113 5.51 -4.88 -19.55
C TYR A 113 6.75 -4.99 -18.67
N THR A 114 7.78 -5.67 -19.17
CA THR A 114 9.02 -5.81 -18.42
C THR A 114 9.91 -4.62 -18.73
N LEU A 115 10.53 -4.03 -17.71
CA LEU A 115 11.39 -2.86 -17.88
C LEU A 115 12.78 -3.14 -17.33
N PRO A 116 13.82 -2.99 -18.16
CA PRO A 116 15.20 -3.24 -17.74
C PRO A 116 15.71 -2.19 -16.77
N PRO A 117 16.80 -2.52 -16.05
CA PRO A 117 17.42 -1.60 -15.06
C PRO A 117 18.03 -0.38 -15.73
N SER A 118 17.97 0.76 -15.05
CA SER A 118 18.52 1.98 -15.57
C SER A 118 20.03 1.82 -15.72
N ARG A 119 20.56 2.33 -16.81
CA ARG A 119 21.99 2.31 -17.09
C ARG A 119 22.75 2.94 -15.92
N GLU A 120 22.10 3.86 -15.22
CA GLU A 120 22.73 4.51 -14.07
C GLU A 120 22.91 3.58 -12.89
N GLU A 121 22.10 2.54 -12.82
CA GLU A 121 22.16 1.59 -11.71
C GLU A 121 23.33 0.59 -11.80
N MET A 122 23.97 0.50 -12.97
CA MET A 122 25.08 -0.41 -13.17
C MET A 122 26.31 -0.16 -12.29
N THR A 123 26.34 0.97 -11.62
CA THR A 123 27.47 1.29 -10.76
C THR A 123 27.31 0.57 -9.42
N LYS A 124 26.12 0.03 -9.17
CA LYS A 124 25.81 -0.68 -7.93
C LYS A 124 26.15 -2.17 -8.03
N ASN A 125 26.10 -2.87 -6.91
CA ASN A 125 26.42 -4.30 -6.89
C ASN A 125 25.31 -5.21 -7.41
N GLN A 126 24.06 -4.78 -7.25
CA GLN A 126 22.91 -5.54 -7.70
C GLN A 126 21.99 -4.58 -8.45
N VAL A 127 21.17 -5.11 -9.37
CA VAL A 127 20.27 -4.28 -10.16
C VAL A 127 18.79 -4.61 -10.02
N SER A 128 17.94 -3.69 -10.50
CA SER A 128 16.49 -3.86 -10.41
C SER A 128 15.77 -4.15 -11.72
N LEU A 129 15.09 -5.28 -11.77
CA LEU A 129 14.33 -5.63 -12.96
C LEU A 129 12.88 -5.29 -12.64
N THR A 130 12.26 -4.45 -13.45
CA THR A 130 10.90 -4.05 -13.18
C THR A 130 9.90 -4.82 -14.06
N CYS A 131 8.68 -4.95 -13.55
CA CYS A 131 7.58 -5.58 -14.26
C CYS A 131 6.36 -4.71 -13.93
N LEU A 132 5.81 -4.08 -14.96
CA LEU A 132 4.63 -3.23 -14.81
C LEU A 132 3.41 -4.01 -15.23
N VAL A 133 2.48 -4.16 -14.31
CA VAL A 133 1.25 -4.87 -14.59
C VAL A 133 0.18 -3.82 -14.39
N LYS A 134 -0.51 -3.45 -15.47
CA LYS A 134 -1.53 -2.42 -15.38
C LYS A 134 -2.81 -2.73 -16.15
N GLY A 135 -3.85 -1.93 -15.85
CA GLY A 135 -5.13 -2.07 -16.53
C GLY A 135 -5.95 -3.28 -16.17
N PHE A 136 -5.71 -3.83 -14.98
CA PHE A 136 -6.44 -5.02 -14.56
C PHE A 136 -7.57 -4.81 -13.58
N TYR A 137 -8.55 -5.69 -13.66
CA TYR A 137 -9.70 -5.65 -12.77
C TYR A 137 -10.33 -7.05 -12.71
N PRO A 138 -10.60 -7.57 -11.49
CA PRO A 138 -10.38 -6.98 -10.17
C PRO A 138 -8.91 -7.01 -9.74
N SER A 139 -8.64 -6.52 -8.52
CA SER A 139 -7.28 -6.48 -8.00
C SER A 139 -6.69 -7.84 -7.61
N ASP A 140 -7.52 -8.88 -7.60
CA ASP A 140 -7.05 -10.22 -7.25
C ASP A 140 -6.05 -10.69 -8.28
N ILE A 141 -4.79 -10.84 -7.87
CA ILE A 141 -3.73 -11.23 -8.81
C ILE A 141 -2.57 -11.94 -8.11
N ALA A 142 -1.65 -12.50 -8.90
CA ALA A 142 -0.48 -13.18 -8.37
C ALA A 142 0.64 -12.91 -9.33
N VAL A 143 1.74 -12.37 -8.82
CA VAL A 143 2.92 -12.03 -9.66
C VAL A 143 4.18 -12.66 -9.06
N GLU A 144 4.94 -13.38 -9.88
CA GLU A 144 6.17 -14.05 -9.43
C GLU A 144 7.25 -13.93 -10.51
N TRP A 145 8.49 -14.29 -10.17
CA TRP A 145 9.60 -14.23 -11.12
C TRP A 145 10.35 -15.56 -11.23
N GLU A 146 11.03 -15.77 -12.35
CA GLU A 146 11.78 -16.99 -12.57
C GLU A 146 12.87 -16.84 -13.64
N SER A 147 13.78 -17.81 -13.67
CA SER A 147 14.90 -17.82 -14.62
C SER A 147 15.28 -19.30 -14.84
N ASN A 148 15.30 -19.70 -16.11
CA ASN A 148 15.66 -21.07 -16.48
C ASN A 148 14.70 -22.03 -15.80
N GLY A 149 13.43 -21.65 -15.73
CA GLY A 149 12.42 -22.49 -15.11
C GLY A 149 12.51 -22.57 -13.60
N GLN A 150 13.50 -21.89 -13.03
CA GLN A 150 13.68 -21.86 -11.59
C GLN A 150 13.15 -20.56 -11.00
N PRO A 151 12.41 -20.64 -9.89
CA PRO A 151 11.83 -19.47 -9.22
C PRO A 151 12.87 -18.53 -8.57
N GLU A 152 12.71 -17.23 -8.82
CA GLU A 152 13.59 -16.21 -8.25
C GLU A 152 12.80 -15.59 -7.11
N ASN A 153 13.28 -15.75 -5.88
CA ASN A 153 12.59 -15.25 -4.69
C ASN A 153 12.98 -13.86 -4.23
N ASN A 154 13.98 -13.26 -4.86
CA ASN A 154 14.43 -11.95 -4.42
C ASN A 154 13.67 -10.76 -5.00
N TYR A 155 12.36 -10.68 -4.75
CA TYR A 155 11.54 -9.58 -5.26
C TYR A 155 10.54 -9.03 -4.24
N LYS A 156 9.99 -7.87 -4.54
CA LYS A 156 9.00 -7.19 -3.70
C LYS A 156 7.97 -6.65 -4.67
N THR A 157 6.70 -6.75 -4.32
CA THR A 157 5.66 -6.26 -5.22
C THR A 157 4.78 -5.24 -4.51
N THR A 158 4.53 -4.11 -5.16
CA THR A 158 3.70 -3.10 -4.54
C THR A 158 2.27 -3.58 -4.44
N PRO A 159 1.49 -3.03 -3.50
CA PRO A 159 0.10 -3.50 -3.43
C PRO A 159 -0.61 -2.87 -4.63
N PRO A 160 -1.74 -3.42 -5.06
CA PRO A 160 -2.42 -2.81 -6.20
C PRO A 160 -2.84 -1.39 -5.90
N VAL A 161 -2.62 -0.49 -6.86
CA VAL A 161 -3.01 0.91 -6.71
C VAL A 161 -4.14 1.19 -7.71
N LEU A 162 -5.19 1.88 -7.26
CA LEU A 162 -6.31 2.21 -8.13
C LEU A 162 -5.94 3.31 -9.13
N ASP A 163 -5.98 3.00 -10.42
CA ASP A 163 -5.64 3.97 -11.47
C ASP A 163 -6.84 4.90 -11.77
N SER A 164 -6.61 5.95 -12.55
CA SER A 164 -7.65 6.92 -12.88
C SER A 164 -8.76 6.43 -13.80
N ASP A 165 -8.58 5.25 -14.38
CA ASP A 165 -9.59 4.69 -15.28
C ASP A 165 -10.42 3.57 -14.64
N GLY A 166 -10.29 3.43 -13.33
CA GLY A 166 -11.06 2.41 -12.63
C GLY A 166 -10.41 1.04 -12.63
N SER A 167 -9.20 0.96 -13.15
CA SER A 167 -8.50 -0.31 -13.18
C SER A 167 -7.39 -0.20 -12.16
N PHE A 168 -6.69 -1.30 -11.94
CA PHE A 168 -5.57 -1.36 -11.02
C PHE A 168 -4.25 -1.60 -11.75
N PHE A 169 -3.16 -1.20 -11.13
CA PHE A 169 -1.82 -1.40 -11.67
C PHE A 169 -0.91 -1.64 -10.47
N LEU A 170 0.27 -2.19 -10.72
CA LEU A 170 1.24 -2.43 -9.67
C LEU A 170 2.59 -2.58 -10.34
N TYR A 171 3.63 -2.63 -9.52
CA TYR A 171 4.98 -2.79 -10.01
C TYR A 171 5.66 -3.85 -9.15
N SER A 172 6.45 -4.71 -9.78
CA SER A 172 7.18 -5.76 -9.07
C SER A 172 8.64 -5.55 -9.39
N LYS A 173 9.48 -5.60 -8.36
CA LYS A 173 10.91 -5.40 -8.54
C LYS A 173 11.75 -6.58 -8.09
N LEU A 174 12.48 -7.16 -9.03
CA LEU A 174 13.37 -8.27 -8.74
C LEU A 174 14.79 -7.70 -8.72
N THR A 175 15.54 -8.01 -7.67
CA THR A 175 16.91 -7.53 -7.53
C THR A 175 17.88 -8.68 -7.80
N VAL A 176 18.77 -8.50 -8.77
CA VAL A 176 19.73 -9.55 -9.12
C VAL A 176 21.16 -9.04 -9.15
N ASP A 177 22.13 -9.95 -8.94
CA ASP A 177 23.53 -9.58 -8.97
C ASP A 177 23.83 -9.03 -10.35
N LYS A 178 24.43 -7.84 -10.38
CA LYS A 178 24.76 -7.18 -11.63
C LYS A 178 25.41 -8.13 -12.62
N SER A 179 26.28 -9.00 -12.11
CA SER A 179 26.96 -9.96 -12.96
C SER A 179 25.97 -10.81 -13.76
N ARG A 180 24.94 -11.30 -13.08
CA ARG A 180 23.93 -12.14 -13.71
C ARG A 180 23.25 -11.42 -14.87
N TRP A 181 22.95 -10.14 -14.68
CA TRP A 181 22.28 -9.37 -15.73
C TRP A 181 23.18 -9.17 -16.95
N GLN A 182 24.40 -8.68 -16.71
CA GLN A 182 25.38 -8.39 -17.76
C GLN A 182 25.81 -9.63 -18.57
N GLN A 183 25.51 -10.82 -18.03
CA GLN A 183 25.85 -12.07 -18.70
C GLN A 183 24.82 -12.59 -19.69
N GLY A 184 23.70 -11.89 -19.85
CA GLY A 184 22.68 -12.34 -20.79
C GLY A 184 21.59 -13.25 -20.28
N ASN A 185 21.57 -13.50 -18.96
CA ASN A 185 20.57 -14.36 -18.35
C ASN A 185 19.15 -13.87 -18.59
N VAL A 186 18.27 -14.79 -18.92
CA VAL A 186 16.88 -14.43 -19.18
C VAL A 186 16.02 -14.63 -17.95
N PHE A 187 15.30 -13.56 -17.59
CA PHE A 187 14.41 -13.57 -16.45
C PHE A 187 12.99 -13.34 -16.95
N SER A 188 12.01 -13.93 -16.27
CA SER A 188 10.62 -13.80 -16.65
C SER A 188 9.72 -13.38 -15.50
N CYS A 189 8.67 -12.61 -15.84
CA CYS A 189 7.68 -12.12 -14.88
C CYS A 189 6.40 -12.90 -15.16
N SER A 190 5.99 -13.72 -14.19
CA SER A 190 4.80 -14.54 -14.33
C SER A 190 3.62 -13.90 -13.62
N VAL A 191 2.56 -13.65 -14.38
CA VAL A 191 1.34 -13.03 -13.84
C VAL A 191 0.13 -13.94 -14.02
N MET A 192 -0.68 -14.06 -12.98
CA MET A 192 -1.90 -14.86 -12.98
C MET A 192 -3.11 -13.98 -12.64
N HIS A 193 -4.10 -13.96 -13.52
CA HIS A 193 -5.30 -13.15 -13.35
C HIS A 193 -6.41 -13.80 -14.18
N GLU A 194 -7.66 -13.66 -13.74
CA GLU A 194 -8.80 -14.27 -14.43
C GLU A 194 -9.06 -13.82 -15.86
N ALA A 195 -8.67 -12.60 -16.19
CA ALA A 195 -8.89 -12.03 -17.53
C ALA A 195 -7.82 -12.38 -18.56
N LEU A 196 -6.77 -13.06 -18.14
CA LEU A 196 -5.71 -13.46 -19.05
C LEU A 196 -6.12 -14.76 -19.69
N HIS A 197 -5.58 -15.05 -20.87
CA HIS A 197 -5.91 -16.31 -21.52
C HIS A 197 -5.36 -17.41 -20.60
N ASN A 198 -6.22 -18.33 -20.19
CA ASN A 198 -5.80 -19.42 -19.31
C ASN A 198 -5.25 -18.89 -17.97
N HIS A 199 -5.70 -17.70 -17.58
CA HIS A 199 -5.31 -17.07 -16.31
C HIS A 199 -3.82 -16.88 -16.13
N TYR A 200 -3.05 -16.96 -17.19
CA TYR A 200 -1.61 -16.84 -17.06
C TYR A 200 -1.01 -16.12 -18.25
N THR A 201 0.17 -15.57 -18.01
CA THR A 201 0.96 -14.88 -19.03
C THR A 201 2.33 -14.74 -18.39
N GLN A 202 3.36 -14.75 -19.23
CA GLN A 202 4.73 -14.67 -18.78
C GLN A 202 5.45 -13.72 -19.74
N LYS A 203 6.20 -12.77 -19.20
CA LYS A 203 6.93 -11.82 -20.04
C LYS A 203 8.40 -11.85 -19.63
N SER A 204 9.26 -12.10 -20.62
CA SER A 204 10.70 -12.20 -20.41
C SER A 204 11.45 -10.86 -20.51
N LEU A 205 12.67 -10.86 -19.96
CA LEU A 205 13.53 -9.68 -19.94
C LEU A 205 14.98 -10.14 -19.92
N SER A 206 15.82 -9.56 -20.78
CA SER A 206 17.24 -9.90 -20.83
C SER A 206 17.98 -8.73 -21.44
N LEU A 207 19.30 -8.76 -21.41
CA LEU A 207 20.11 -7.67 -21.96
C LEU A 207 19.95 -7.46 -23.48
N ASP B 1 -6.06 -25.02 -25.21
CA ASP B 1 -4.61 -25.20 -24.85
C ASP B 1 -4.50 -24.90 -23.37
N CYS B 2 -3.33 -25.14 -22.78
CA CYS B 2 -3.15 -24.92 -21.35
C CYS B 2 -2.01 -23.98 -21.00
N ALA B 3 -1.95 -23.61 -19.72
CA ALA B 3 -0.92 -22.75 -19.17
C ALA B 3 -0.35 -23.45 -17.95
N TRP B 4 0.97 -23.39 -17.78
CA TRP B 4 1.63 -24.05 -16.66
C TRP B 4 2.53 -23.09 -15.90
N HIS B 5 2.46 -23.14 -14.57
CA HIS B 5 3.29 -22.31 -13.75
C HIS B 5 4.24 -23.21 -12.99
N LEU B 6 5.52 -23.17 -13.35
CA LEU B 6 6.54 -23.99 -12.71
C LEU B 6 6.14 -25.46 -12.73
N GLY B 7 5.60 -25.91 -13.86
CA GLY B 7 5.19 -27.29 -13.97
C GLY B 7 3.76 -27.58 -13.56
N GLU B 8 3.19 -26.78 -12.66
CA GLU B 8 1.82 -26.97 -12.20
C GLU B 8 0.78 -26.52 -13.22
N LEU B 9 -0.29 -27.28 -13.38
CA LEU B 9 -1.33 -26.92 -14.33
C LEU B 9 -2.13 -25.77 -13.77
N VAL B 10 -2.22 -24.70 -14.56
CA VAL B 10 -2.96 -23.52 -14.18
C VAL B 10 -4.40 -23.59 -14.69
N TRP B 11 -4.56 -23.68 -16.01
CA TRP B 11 -5.88 -23.69 -16.58
C TRP B 11 -5.81 -24.08 -18.04
N CYS B 12 -6.92 -24.55 -18.59
CA CYS B 12 -7.00 -24.92 -20.01
C CYS B 12 -8.32 -24.44 -20.58
N THR B 13 -8.28 -23.81 -21.75
CA THR B 13 -9.49 -23.36 -22.39
C THR B 13 -9.93 -24.51 -23.31
N NH2 B 14 -11.16 -24.97 -23.12
N GLY C 1 -15.68 8.69 26.76
CA GLY C 1 -14.53 9.58 27.06
C GLY C 1 -13.85 10.03 25.78
N PRO C 2 -13.19 11.20 25.78
CA PRO C 2 -12.49 11.73 24.60
C PRO C 2 -11.32 10.84 24.18
N SER C 3 -10.94 10.94 22.91
CA SER C 3 -9.83 10.17 22.37
C SER C 3 -8.87 11.16 21.74
N VAL C 4 -7.58 10.80 21.69
CA VAL C 4 -6.57 11.69 21.16
C VAL C 4 -5.74 11.07 20.04
N PHE C 5 -5.44 11.87 19.02
CA PHE C 5 -4.62 11.42 17.89
C PHE C 5 -3.63 12.51 17.55
N LEU C 6 -2.34 12.15 17.56
CA LEU C 6 -1.23 13.08 17.30
C LEU C 6 -0.62 12.86 15.92
N PHE C 7 -0.69 13.88 15.06
CA PHE C 7 -0.17 13.77 13.69
C PHE C 7 1.14 14.52 13.39
N PRO C 8 2.04 13.88 12.61
CA PRO C 8 3.32 14.50 12.26
C PRO C 8 3.10 15.51 11.14
N PRO C 9 4.09 16.37 10.90
CA PRO C 9 3.94 17.37 9.83
C PRO C 9 4.05 16.71 8.46
N LYS C 10 3.64 17.43 7.42
CA LYS C 10 3.71 16.92 6.04
C LYS C 10 5.15 16.86 5.59
N PRO C 11 5.51 15.84 4.81
CA PRO C 11 6.90 15.71 4.32
C PRO C 11 7.40 16.97 3.62
N LYS C 12 6.60 17.53 2.73
CA LYS C 12 6.98 18.74 2.01
C LYS C 12 7.23 19.95 2.91
N ASP C 13 6.53 20.03 4.04
CA ASP C 13 6.69 21.15 4.96
C ASP C 13 7.98 21.06 5.77
N THR C 14 8.48 19.85 5.95
CA THR C 14 9.71 19.65 6.73
C THR C 14 10.95 19.78 5.84
N LEU C 15 10.78 19.44 4.56
CA LEU C 15 11.85 19.47 3.56
C LEU C 15 12.06 20.78 2.81
N MET C 16 11.05 21.65 2.80
CA MET C 16 11.14 22.95 2.13
C MET C 16 11.23 24.06 3.17
N ILE C 17 12.30 24.85 3.09
CA ILE C 17 12.54 25.97 4.02
C ILE C 17 11.53 27.09 3.80
N SER C 18 10.84 27.06 2.66
CA SER C 18 9.84 28.06 2.37
C SER C 18 8.46 27.73 2.96
N ARG C 19 8.37 26.63 3.72
CA ARG C 19 7.11 26.21 4.33
C ARG C 19 7.23 26.09 5.84
N THR C 20 6.10 25.98 6.52
CA THR C 20 6.06 25.89 7.99
C THR C 20 5.39 24.62 8.51
N PRO C 21 6.19 23.63 8.91
CA PRO C 21 5.74 22.34 9.44
C PRO C 21 5.09 22.49 10.80
N GLU C 22 4.13 21.61 11.10
CA GLU C 22 3.45 21.66 12.38
C GLU C 22 2.92 20.30 12.81
N VAL C 23 2.87 20.09 14.12
CA VAL C 23 2.35 18.86 14.70
C VAL C 23 0.92 19.19 15.14
N THR C 24 -0.02 18.29 14.86
CA THR C 24 -1.42 18.53 15.20
C THR C 24 -1.97 17.53 16.21
N CYS C 25 -2.40 18.03 17.37
CA CYS C 25 -2.97 17.18 18.41
C CYS C 25 -4.51 17.29 18.32
N VAL C 26 -5.16 16.25 17.80
CA VAL C 26 -6.61 16.20 17.62
C VAL C 26 -7.32 15.45 18.74
N VAL C 27 -8.33 16.07 19.33
CA VAL C 27 -9.09 15.43 20.40
C VAL C 27 -10.53 15.24 19.91
N VAL C 28 -10.95 14.00 19.79
CA VAL C 28 -12.29 13.68 19.33
C VAL C 28 -13.16 13.20 20.49
N ASP C 29 -14.45 13.07 20.24
CA ASP C 29 -15.40 12.64 21.25
C ASP C 29 -15.41 13.58 22.46
N VAL C 30 -15.19 14.86 22.21
CA VAL C 30 -15.23 15.85 23.27
C VAL C 30 -16.73 16.05 23.49
N SER C 31 -17.16 16.07 24.75
CA SER C 31 -18.59 16.19 25.07
C SER C 31 -19.14 17.60 25.11
N HIS C 32 -20.43 17.73 24.82
CA HIS C 32 -21.09 19.03 24.83
C HIS C 32 -21.20 19.60 26.21
N GLU C 33 -21.23 18.72 27.21
CA GLU C 33 -21.36 19.13 28.60
C GLU C 33 -20.04 19.57 29.25
N ASN C 34 -18.92 19.08 28.74
CA ASN C 34 -17.60 19.47 29.25
C ASN C 34 -16.59 19.51 28.09
N PRO C 35 -16.64 20.59 27.28
CA PRO C 35 -15.74 20.74 26.14
C PRO C 35 -14.42 21.43 26.46
N GLU C 36 -14.25 21.89 27.70
CA GLU C 36 -13.02 22.54 28.13
C GLU C 36 -11.90 21.52 28.11
N VAL C 37 -10.91 21.75 27.24
CA VAL C 37 -9.78 20.86 27.11
C VAL C 37 -8.47 21.63 27.30
N LYS C 38 -7.64 21.13 28.21
CA LYS C 38 -6.34 21.76 28.47
C LYS C 38 -5.23 20.98 27.76
N PHE C 39 -4.33 21.72 27.13
CA PHE C 39 -3.22 21.12 26.40
C PHE C 39 -1.89 21.51 27.04
N ASN C 40 -1.00 20.54 27.16
CA ASN C 40 0.34 20.76 27.67
C ASN C 40 1.27 20.15 26.64
N TRP C 41 2.13 20.97 26.01
CA TRP C 41 3.06 20.45 24.99
C TRP C 41 4.50 20.35 25.52
N TYR C 42 5.22 19.34 25.08
CA TYR C 42 6.60 19.14 25.50
C TYR C 42 7.45 18.78 24.30
N VAL C 43 8.71 19.18 24.34
CA VAL C 43 9.67 18.86 23.28
C VAL C 43 10.89 18.34 24.02
N ASP C 44 11.03 17.01 24.01
CA ASP C 44 12.11 16.31 24.70
C ASP C 44 11.99 16.53 26.19
N GLY C 45 10.76 16.55 26.68
CA GLY C 45 10.51 16.74 28.10
C GLY C 45 10.30 18.19 28.51
N VAL C 46 10.92 19.12 27.79
CA VAL C 46 10.82 20.56 28.10
C VAL C 46 9.49 21.12 27.59
N GLU C 47 8.67 21.64 28.51
CA GLU C 47 7.37 22.19 28.14
C GLU C 47 7.52 23.47 27.32
N VAL C 48 6.75 23.57 26.24
CA VAL C 48 6.75 24.75 25.35
C VAL C 48 5.39 25.45 25.40
N HIS C 49 5.34 26.72 25.00
CA HIS C 49 4.09 27.46 25.10
C HIS C 49 3.54 28.18 23.87
N ASN C 50 4.14 27.97 22.71
CA ASN C 50 3.70 28.65 21.49
C ASN C 50 2.59 27.96 20.68
N ALA C 51 1.87 27.01 21.28
CA ALA C 51 0.82 26.32 20.55
C ALA C 51 -0.47 27.17 20.47
N LYS C 52 -1.25 26.94 19.43
CA LYS C 52 -2.50 27.65 19.21
C LYS C 52 -3.64 26.65 19.08
N THR C 53 -4.82 27.02 19.57
CA THR C 53 -5.98 26.14 19.48
C THR C 53 -6.84 26.50 18.28
N LYS C 54 -7.13 25.52 17.43
CA LYS C 54 -7.96 25.75 16.25
C LYS C 54 -9.39 26.00 16.75
N PRO C 55 -10.22 26.73 15.97
CA PRO C 55 -11.60 26.97 16.41
C PRO C 55 -12.37 25.65 16.57
N ARG C 56 -13.14 25.55 17.65
CA ARG C 56 -13.94 24.36 17.94
C ARG C 56 -14.90 24.00 16.81
N GLU C 57 -15.05 22.71 16.56
CA GLU C 57 -15.91 22.23 15.49
C GLU C 57 -16.93 21.16 15.91
N GLU C 58 -18.22 21.49 15.70
CA GLU C 58 -19.33 20.60 16.00
C GLU C 58 -19.36 19.47 14.97
N GLN C 59 -19.39 18.22 15.47
CA GLN C 59 -19.36 17.07 14.59
C GLN C 59 -20.74 16.52 14.22
N TYR C 60 -21.77 16.95 14.93
CA TYR C 60 -23.15 16.53 14.67
C TYR C 60 -23.48 15.10 15.06
N ASN C 61 -22.55 14.46 15.75
CA ASN C 61 -22.77 13.09 16.22
C ASN C 61 -22.75 13.07 17.75
N SER C 62 -23.08 14.22 18.34
CA SER C 62 -23.15 14.48 19.79
C SER C 62 -21.84 14.91 20.44
N THR C 63 -20.80 15.05 19.63
CA THR C 63 -19.48 15.42 20.13
C THR C 63 -18.83 16.57 19.36
N TYR C 64 -17.83 17.16 20.00
CA TYR C 64 -17.02 18.22 19.42
C TYR C 64 -15.66 17.61 19.03
N ARG C 65 -14.87 18.38 18.33
CA ARG C 65 -13.53 18.00 17.91
C ARG C 65 -12.68 19.21 18.27
N VAL C 66 -11.79 19.04 19.24
CA VAL C 66 -10.91 20.12 19.70
C VAL C 66 -9.51 19.82 19.18
N VAL C 67 -8.87 20.79 18.53
CA VAL C 67 -7.54 20.62 17.97
C VAL C 67 -6.51 21.68 18.39
N SER C 68 -5.28 21.25 18.65
CA SER C 68 -4.20 22.16 19.01
C SER C 68 -3.10 21.95 17.98
N VAL C 69 -2.51 23.05 17.53
CA VAL C 69 -1.45 23.00 16.53
C VAL C 69 -0.17 23.62 17.08
N LEU C 70 0.94 22.89 16.95
CA LEU C 70 2.24 23.35 17.40
C LEU C 70 3.14 23.47 16.18
N THR C 71 3.73 24.65 15.99
CA THR C 71 4.64 24.89 14.91
C THR C 71 5.99 24.30 15.33
N VAL C 72 6.69 23.67 14.40
CA VAL C 72 7.98 23.10 14.74
C VAL C 72 9.06 23.66 13.81
N LEU C 73 10.32 23.52 14.23
CA LEU C 73 11.45 24.00 13.45
C LEU C 73 11.90 22.85 12.55
N HIS C 74 12.14 23.14 11.28
CA HIS C 74 12.57 22.11 10.32
C HIS C 74 13.67 21.22 10.89
N GLN C 75 14.71 21.86 11.42
CA GLN C 75 15.85 21.14 11.99
C GLN C 75 15.49 20.34 13.25
N ASP C 76 14.57 20.85 14.06
CA ASP C 76 14.15 20.14 15.27
C ASP C 76 13.47 18.82 14.93
N TRP C 77 12.63 18.86 13.91
CA TRP C 77 11.91 17.67 13.48
C TRP C 77 12.89 16.70 12.85
N LEU C 78 13.62 17.18 11.85
CA LEU C 78 14.62 16.36 11.15
C LEU C 78 15.68 15.77 12.09
N ASN C 79 15.91 16.41 13.23
CA ASN C 79 16.90 15.92 14.17
C ASN C 79 16.37 14.87 15.14
N GLY C 80 15.13 14.45 14.93
CA GLY C 80 14.54 13.43 15.78
C GLY C 80 14.06 13.81 17.17
N LYS C 81 13.67 15.07 17.35
CA LYS C 81 13.16 15.53 18.63
C LYS C 81 11.75 14.98 18.86
N GLU C 82 11.41 14.66 20.11
CA GLU C 82 10.10 14.12 20.41
C GLU C 82 9.11 15.16 20.90
N TYR C 83 7.91 15.10 20.33
CA TYR C 83 6.83 16.01 20.67
C TYR C 83 5.73 15.25 21.40
N LYS C 84 5.41 15.69 22.62
CA LYS C 84 4.39 15.07 23.42
C LYS C 84 3.25 16.04 23.65
N CYS C 85 2.02 15.56 23.51
CA CYS C 85 0.83 16.37 23.73
C CYS C 85 0.06 15.73 24.87
N LYS C 86 -0.21 16.50 25.93
CA LYS C 86 -0.97 16.00 27.06
C LYS C 86 -2.35 16.66 27.03
N VAL C 87 -3.39 15.83 27.05
CA VAL C 87 -4.76 16.29 26.99
C VAL C 87 -5.53 16.02 28.30
N SER C 88 -6.01 17.09 28.92
CA SER C 88 -6.78 17.01 30.16
C SER C 88 -8.18 17.57 29.94
N ASN C 89 -9.17 16.91 30.53
CA ASN C 89 -10.59 17.30 30.44
C ASN C 89 -11.27 16.68 31.66
N LYS C 90 -12.32 17.32 32.15
CA LYS C 90 -13.04 16.83 33.34
C LYS C 90 -13.56 15.39 33.24
N ALA C 91 -13.92 14.96 32.03
CA ALA C 91 -14.42 13.61 31.83
C ALA C 91 -13.29 12.58 31.73
N LEU C 92 -12.07 13.02 31.96
CA LEU C 92 -10.91 12.15 31.87
C LEU C 92 -10.32 11.92 33.25
N PRO C 93 -10.43 10.68 33.75
CA PRO C 93 -9.88 10.32 35.06
C PRO C 93 -8.42 10.75 35.18
N ALA C 94 -7.65 10.53 34.13
CA ALA C 94 -6.26 10.94 34.13
C ALA C 94 -5.91 11.48 32.75
N PRO C 95 -5.03 12.49 32.69
CA PRO C 95 -4.61 13.10 31.43
C PRO C 95 -4.09 12.05 30.44
N ILE C 96 -4.36 12.26 29.15
CA ILE C 96 -3.92 11.36 28.09
C ILE C 96 -2.69 11.96 27.42
N GLU C 97 -1.67 11.14 27.20
CA GLU C 97 -0.44 11.61 26.56
C GLU C 97 -0.08 10.79 25.33
N LYS C 98 0.18 11.47 24.23
CA LYS C 98 0.61 10.83 23.00
C LYS C 98 1.95 11.45 22.64
N THR C 99 2.85 10.67 22.04
CA THR C 99 4.17 11.14 21.64
C THR C 99 4.42 10.75 20.20
N ILE C 100 4.98 11.66 19.41
CA ILE C 100 5.32 11.36 18.03
C ILE C 100 6.58 12.10 17.63
N SER C 101 7.33 11.50 16.73
CA SER C 101 8.57 12.07 16.24
C SER C 101 8.94 11.35 14.96
N LYS C 102 10.01 11.80 14.32
CA LYS C 102 10.47 11.18 13.09
C LYS C 102 10.81 9.73 13.36
N ALA C 103 10.79 8.91 12.31
CA ALA C 103 11.13 7.50 12.41
C ALA C 103 12.61 7.41 12.71
N LYS C 104 12.98 6.60 13.69
CA LYS C 104 14.37 6.45 14.07
C LYS C 104 15.07 5.44 13.17
N GLY C 105 16.27 5.79 12.72
CA GLY C 105 17.04 4.90 11.86
C GLY C 105 17.89 5.80 10.99
N GLN C 106 19.11 5.37 10.67
CA GLN C 106 19.98 6.21 9.85
C GLN C 106 19.34 6.50 8.51
N PRO C 107 19.25 7.79 8.15
CA PRO C 107 18.67 8.23 6.88
C PRO C 107 19.53 7.78 5.73
N ARG C 108 18.90 7.28 4.67
CA ARG C 108 19.62 6.82 3.48
C ARG C 108 19.09 7.53 2.24
N GLU C 109 20.01 7.96 1.39
CA GLU C 109 19.69 8.68 0.16
C GLU C 109 19.01 7.81 -0.88
N PRO C 110 17.86 8.27 -1.40
CA PRO C 110 17.12 7.51 -2.41
C PRO C 110 17.82 7.58 -3.75
N GLN C 111 17.80 6.47 -4.47
CA GLN C 111 18.40 6.40 -5.80
C GLN C 111 17.20 6.52 -6.71
N VAL C 112 17.25 7.46 -7.65
CA VAL C 112 16.13 7.68 -8.55
C VAL C 112 16.47 7.30 -9.99
N TYR C 113 15.72 6.38 -10.57
CA TYR C 113 15.97 5.96 -11.94
C TYR C 113 14.71 6.10 -12.79
N THR C 114 14.79 6.83 -13.89
CA THR C 114 13.64 6.98 -14.78
C THR C 114 13.67 5.83 -15.77
N LEU C 115 12.49 5.25 -16.03
CA LEU C 115 12.40 4.13 -16.96
C LEU C 115 11.37 4.43 -18.04
N PRO C 116 11.78 4.33 -19.32
CA PRO C 116 10.89 4.59 -20.46
C PRO C 116 9.89 3.45 -20.67
N PRO C 117 8.81 3.71 -21.43
CA PRO C 117 7.79 2.69 -21.71
C PRO C 117 8.36 1.55 -22.55
N SER C 118 7.72 0.39 -22.45
CA SER C 118 8.15 -0.81 -23.17
C SER C 118 7.88 -0.67 -24.67
N ARG C 119 8.64 -1.40 -25.47
CA ARG C 119 8.44 -1.39 -26.92
C ARG C 119 7.00 -1.86 -27.17
N GLU C 120 6.59 -2.86 -26.40
CA GLU C 120 5.25 -3.41 -26.56
C GLU C 120 4.15 -2.38 -26.31
N GLU C 121 4.47 -1.34 -25.53
CA GLU C 121 3.48 -0.32 -25.21
C GLU C 121 3.30 0.71 -26.32
N MET C 122 4.28 0.81 -27.21
CA MET C 122 4.26 1.77 -28.33
C MET C 122 3.09 1.64 -29.34
N THR C 123 2.11 0.79 -29.04
CA THR C 123 0.98 0.58 -29.93
C THR C 123 -0.34 0.97 -29.29
N LYS C 124 -0.30 1.35 -28.02
CA LYS C 124 -1.51 1.75 -27.30
C LYS C 124 -1.76 3.26 -27.45
N ASN C 125 -2.87 3.74 -26.88
CA ASN C 125 -3.22 5.17 -26.95
C ASN C 125 -2.25 6.03 -26.15
N GLN C 126 -2.01 5.63 -24.91
CA GLN C 126 -1.12 6.35 -24.01
C GLN C 126 0.01 5.46 -23.48
N VAL C 127 1.18 6.05 -23.29
CA VAL C 127 2.35 5.33 -22.77
C VAL C 127 2.55 5.61 -21.28
N SER C 128 3.35 4.76 -20.63
CA SER C 128 3.63 4.90 -19.20
C SER C 128 5.08 5.27 -18.96
N LEU C 129 5.30 6.31 -18.17
CA LEU C 129 6.66 6.72 -17.85
C LEU C 129 6.88 6.32 -16.41
N THR C 130 7.91 5.53 -16.16
CA THR C 130 8.19 5.06 -14.82
C THR C 130 9.35 5.79 -14.15
N CYS C 131 9.26 5.90 -12.82
CA CYS C 131 10.30 6.51 -12.00
C CYS C 131 10.45 5.59 -10.79
N LEU C 132 11.62 4.97 -10.66
CA LEU C 132 11.94 4.07 -9.54
C LEU C 132 12.74 4.82 -8.48
N VAL C 133 12.18 4.92 -7.30
CA VAL C 133 12.85 5.62 -6.20
C VAL C 133 13.10 4.54 -5.18
N LYS C 134 14.36 4.16 -5.01
CA LYS C 134 14.69 3.09 -4.06
C LYS C 134 15.85 3.40 -3.11
N GLY C 135 16.01 2.56 -2.10
CA GLY C 135 17.09 2.72 -1.14
C GLY C 135 16.96 3.89 -0.19
N PHE C 136 15.74 4.36 0.06
CA PHE C 136 15.54 5.49 0.95
C PHE C 136 15.07 5.20 2.36
N TYR C 137 15.46 6.05 3.30
CA TYR C 137 15.06 5.92 4.68
C TYR C 137 15.19 7.28 5.35
N PRO C 138 14.14 7.75 6.06
CA PRO C 138 12.84 7.13 6.31
C PRO C 138 11.90 7.18 5.10
N SER C 139 10.69 6.65 5.26
CA SER C 139 9.69 6.61 4.19
C SER C 139 9.04 7.96 3.85
N ASP C 140 9.32 8.98 4.64
CA ASP C 140 8.76 10.32 4.40
C ASP C 140 9.38 10.85 3.11
N ILE C 141 8.55 11.04 2.08
CA ILE C 141 9.03 11.49 0.78
C ILE C 141 7.92 12.19 -0.03
N ALA C 142 8.31 12.85 -1.12
CA ALA C 142 7.36 13.53 -2.00
C ALA C 142 7.88 13.36 -3.42
N VAL C 143 7.03 12.84 -4.31
CA VAL C 143 7.39 12.59 -5.70
C VAL C 143 6.38 13.22 -6.64
N GLU C 144 6.86 14.03 -7.58
CA GLU C 144 5.99 14.71 -8.55
C GLU C 144 6.62 14.68 -9.95
N TRP C 145 5.85 15.04 -10.98
CA TRP C 145 6.32 15.07 -12.37
C TRP C 145 6.11 16.42 -13.03
N GLU C 146 6.94 16.72 -14.03
CA GLU C 146 6.83 17.99 -14.77
C GLU C 146 7.43 17.91 -16.18
N SER C 147 7.12 18.91 -17.00
CA SER C 147 7.61 18.99 -18.36
C SER C 147 7.63 20.48 -18.73
N ASN C 148 8.79 20.94 -19.18
CA ASN C 148 9.00 22.33 -19.57
C ASN C 148 8.67 23.24 -18.39
N GLY C 149 9.08 22.80 -17.20
CA GLY C 149 8.81 23.59 -16.01
C GLY C 149 7.36 23.61 -15.57
N GLN C 150 6.50 22.92 -16.31
CA GLN C 150 5.09 22.85 -15.96
C GLN C 150 4.78 21.51 -15.32
N PRO C 151 3.98 21.52 -14.24
CA PRO C 151 3.62 20.28 -13.52
C PRO C 151 2.68 19.36 -14.30
N GLU C 152 3.01 18.07 -14.32
CA GLU C 152 2.19 17.05 -14.99
C GLU C 152 1.43 16.35 -13.86
N ASN C 153 0.11 16.47 -13.86
CA ASN C 153 -0.73 15.88 -12.81
C ASN C 153 -1.28 14.47 -13.06
N ASN C 154 -1.05 13.93 -14.25
CA ASN C 154 -1.59 12.62 -14.59
C ASN C 154 -0.71 11.44 -14.15
N TYR C 155 -0.47 11.32 -12.84
CA TYR C 155 0.37 10.23 -12.32
C TYR C 155 -0.20 9.59 -11.04
N LYS C 156 0.31 8.40 -10.71
CA LYS C 156 -0.11 7.66 -9.53
C LYS C 156 1.18 7.11 -8.92
N THR C 157 1.31 7.18 -7.60
CA THR C 157 2.51 6.70 -6.95
C THR C 157 2.16 5.63 -5.92
N THR C 158 2.89 4.52 -5.95
CA THR C 158 2.62 3.43 -5.03
C THR C 158 3.07 3.85 -3.65
N PRO C 159 2.43 3.29 -2.61
CA PRO C 159 2.90 3.69 -1.28
C PRO C 159 4.29 3.05 -1.08
N PRO C 160 5.09 3.58 -0.14
CA PRO C 160 6.42 3.00 0.08
C PRO C 160 6.32 1.56 0.51
N VAL C 161 7.16 0.71 -0.08
CA VAL C 161 7.20 -0.71 0.24
C VAL C 161 8.57 -0.96 0.91
N LEU C 162 8.56 -1.70 2.02
CA LEU C 162 9.79 -2.00 2.74
C LEU C 162 10.60 -3.07 2.02
N ASP C 163 11.81 -2.71 1.61
CA ASP C 163 12.71 -3.63 0.89
C ASP C 163 13.45 -4.56 1.87
N SER C 164 14.10 -5.59 1.33
CA SER C 164 14.80 -6.56 2.15
C SER C 164 16.06 -6.05 2.86
N ASP C 165 16.48 -4.83 2.57
CA ASP C 165 17.67 -4.27 3.19
C ASP C 165 17.35 -3.24 4.26
N GLY C 166 16.08 -3.13 4.61
CA GLY C 166 15.67 -2.18 5.63
C GLY C 166 15.39 -0.78 5.10
N SER C 167 15.45 -0.63 3.78
CA SER C 167 15.18 0.66 3.16
C SER C 167 13.83 0.54 2.47
N PHE C 168 13.36 1.66 1.94
CA PHE C 168 12.08 1.70 1.23
C PHE C 168 12.29 2.02 -0.23
N PHE C 169 11.32 1.63 -1.06
CA PHE C 169 11.33 1.89 -2.49
C PHE C 169 9.87 2.09 -2.90
N LEU C 170 9.67 2.73 -4.06
CA LEU C 170 8.34 2.94 -4.58
C LEU C 170 8.48 3.18 -6.07
N TYR C 171 7.35 3.18 -6.75
CA TYR C 171 7.31 3.42 -8.18
C TYR C 171 6.25 4.49 -8.45
N SER C 172 6.52 5.37 -9.41
CA SER C 172 5.57 6.41 -9.79
C SER C 172 5.37 6.26 -11.28
N LYS C 173 4.12 6.31 -11.70
CA LYS C 173 3.80 6.15 -13.11
C LYS C 173 3.04 7.34 -13.64
N LEU C 174 3.60 7.97 -14.66
CA LEU C 174 2.98 9.10 -15.35
C LEU C 174 2.49 8.54 -16.68
N THR C 175 1.24 8.81 -17.02
CA THR C 175 0.66 8.33 -18.26
C THR C 175 0.48 9.51 -19.24
N VAL C 176 1.10 9.42 -20.42
CA VAL C 176 1.02 10.47 -21.43
C VAL C 176 0.69 9.97 -22.85
N ASP C 177 0.40 10.91 -23.76
CA ASP C 177 0.07 10.56 -25.15
C ASP C 177 1.31 10.17 -25.93
N LYS C 178 1.23 9.04 -26.63
CA LYS C 178 2.36 8.52 -27.41
C LYS C 178 3.03 9.60 -28.24
N SER C 179 2.21 10.51 -28.75
CA SER C 179 2.70 11.62 -29.56
C SER C 179 3.79 12.36 -28.80
N ARG C 180 3.42 12.88 -27.63
CA ARG C 180 4.32 13.64 -26.77
C ARG C 180 5.68 12.94 -26.60
N TRP C 181 5.64 11.69 -26.15
CA TRP C 181 6.87 10.93 -25.94
C TRP C 181 7.68 10.80 -27.24
N GLN C 182 6.98 10.47 -28.32
CA GLN C 182 7.58 10.27 -29.65
C GLN C 182 8.33 11.52 -30.13
N GLN C 183 7.70 12.70 -29.94
CA GLN C 183 8.23 14.00 -30.35
C GLN C 183 9.53 14.46 -29.68
N GLY C 184 10.03 13.70 -28.71
CA GLY C 184 11.26 14.05 -28.03
C GLY C 184 11.08 14.95 -26.83
N ASN C 185 9.83 15.24 -26.45
CA ASN C 185 9.54 16.07 -25.28
C ASN C 185 10.30 15.61 -24.03
N VAL C 186 10.70 16.56 -23.18
CA VAL C 186 11.41 16.21 -21.94
C VAL C 186 10.50 16.24 -20.70
N PHE C 187 10.45 15.10 -20.01
CA PHE C 187 9.67 14.91 -18.80
C PHE C 187 10.60 14.63 -17.61
N SER C 188 10.20 15.05 -16.42
CA SER C 188 11.02 14.87 -15.23
C SER C 188 10.32 14.37 -13.96
N CYS C 189 11.10 13.64 -13.16
CA CYS C 189 10.67 13.07 -11.89
C CYS C 189 11.35 13.85 -10.77
N SER C 190 10.57 14.62 -10.04
CA SER C 190 11.07 15.44 -8.94
C SER C 190 10.87 14.68 -7.64
N VAL C 191 11.96 14.51 -6.90
CA VAL C 191 11.90 13.80 -5.62
C VAL C 191 12.47 14.68 -4.50
N MET C 192 11.76 14.69 -3.38
CA MET C 192 12.16 15.45 -2.19
C MET C 192 12.30 14.50 -1.02
N HIS C 193 13.47 14.51 -0.39
CA HIS C 193 13.75 13.63 0.73
C HIS C 193 14.90 14.27 1.52
N GLU C 194 14.85 14.15 2.84
CA GLU C 194 15.88 14.76 3.68
C GLU C 194 17.33 14.36 3.39
N ALA C 195 17.52 13.13 2.92
CA ALA C 195 18.86 12.60 2.63
C ALA C 195 19.49 13.01 1.31
N LEU C 196 18.70 13.67 0.46
CA LEU C 196 19.18 14.14 -0.84
C LEU C 196 19.95 15.43 -0.61
N HIS C 197 20.84 15.78 -1.54
CA HIS C 197 21.57 17.05 -1.37
C HIS C 197 20.50 18.11 -1.58
N ASN C 198 20.30 18.95 -0.57
CA ASN C 198 19.30 20.01 -0.64
C ASN C 198 17.86 19.44 -0.65
N HIS C 199 17.73 18.19 -0.19
CA HIS C 199 16.43 17.52 -0.15
C HIS C 199 15.81 17.47 -1.53
N TYR C 200 16.61 17.58 -2.58
CA TYR C 200 16.06 17.58 -3.94
C TYR C 200 16.94 16.93 -5.01
N THR C 201 16.29 16.49 -6.07
CA THR C 201 16.93 15.85 -7.21
C THR C 201 15.85 15.67 -8.27
N GLN C 202 16.25 15.81 -9.53
CA GLN C 202 15.35 15.64 -10.65
C GLN C 202 16.01 14.67 -11.60
N LYS C 203 15.19 13.83 -12.22
CA LYS C 203 15.69 12.87 -13.18
C LYS C 203 14.85 13.05 -14.42
N SER C 204 15.54 13.32 -15.53
CA SER C 204 14.92 13.55 -16.82
C SER C 204 14.68 12.27 -17.63
N LEU C 205 13.66 12.30 -18.50
CA LEU C 205 13.31 11.16 -19.33
C LEU C 205 12.85 11.58 -20.73
N SER C 206 13.61 11.19 -21.75
CA SER C 206 13.29 11.46 -23.16
C SER C 206 14.20 10.65 -24.08
N LEU C 207 14.16 10.98 -25.37
CA LEU C 207 14.96 10.28 -26.37
C LEU C 207 16.16 11.12 -26.84
N ASP D 1 24.66 26.07 -2.16
CA ASP D 1 23.81 26.33 -3.37
C ASP D 1 22.38 25.98 -2.99
N CYS D 2 21.42 26.25 -3.87
CA CYS D 2 20.02 25.98 -3.56
C CYS D 2 19.32 25.10 -4.59
N ALA D 3 18.13 24.64 -4.21
CA ALA D 3 17.29 23.79 -5.06
C ALA D 3 15.93 24.45 -5.11
N TRP D 4 15.30 24.43 -6.28
CA TRP D 4 13.99 25.04 -6.44
C TRP D 4 13.02 24.08 -7.10
N HIS D 5 11.80 24.04 -6.58
CA HIS D 5 10.75 23.18 -7.11
C HIS D 5 9.66 24.10 -7.64
N LEU D 6 9.57 24.19 -8.97
CA LEU D 6 8.56 25.03 -9.62
C LEU D 6 8.65 26.48 -9.15
N GLY D 7 9.88 26.98 -8.99
CA GLY D 7 10.05 28.35 -8.56
C GLY D 7 10.17 28.52 -7.05
N GLU D 8 9.59 27.62 -6.28
CA GLU D 8 9.65 27.70 -4.81
C GLU D 8 11.00 27.25 -4.27
N LEU D 9 11.49 27.95 -3.24
CA LEU D 9 12.77 27.59 -2.64
C LEU D 9 12.59 26.35 -1.80
N VAL D 10 13.40 25.35 -2.07
CA VAL D 10 13.34 24.11 -1.32
C VAL D 10 14.31 24.16 -0.16
N TRP D 11 15.60 24.25 -0.46
CA TRP D 11 16.60 24.24 0.59
C TRP D 11 17.92 24.73 0.03
N CYS D 12 18.80 25.19 0.92
CA CYS D 12 20.13 25.65 0.52
C CYS D 12 21.18 25.14 1.50
N THR D 13 22.26 24.58 0.98
CA THR D 13 23.34 24.12 1.84
C THR D 13 24.32 25.29 2.05
N NH2 D 14 24.52 25.66 3.31
C1 NAG E . -7.87 -12.91 22.02
C2 NAG E . -8.42 -11.55 21.56
C3 NAG E . -8.94 -11.64 20.14
C4 NAG E . -7.81 -12.15 19.24
C5 NAG E . -7.35 -13.51 19.77
C6 NAG E . -6.24 -14.14 18.96
C7 NAG E . -9.21 -10.49 23.59
C8 NAG E . -10.39 -10.05 24.44
N2 NAG E . -9.49 -11.11 22.45
O3 NAG E . -9.38 -10.35 19.72
O4 NAG E . -8.27 -12.29 17.89
O5 NAG E . -6.87 -13.37 21.12
O6 NAG E . -5.16 -13.19 18.79
O7 NAG E . -8.06 -10.25 23.97
C1 NAG E . -8.04 -11.23 17.00
C2 NAG E . -7.96 -11.76 15.58
C3 NAG E . -7.90 -10.61 14.56
C4 NAG E . -9.04 -9.62 14.81
C5 NAG E . -8.98 -9.18 16.27
C6 NAG E . -10.04 -8.17 16.68
C7 NAG E . -6.87 -13.86 15.15
C8 NAG E . -5.58 -14.65 15.07
N2 NAG E . -6.77 -12.58 15.46
O3 NAG E . -7.99 -11.14 13.25
O4 NAG E . -8.87 -8.46 13.95
O5 NAG E . -9.14 -10.32 17.13
O6 NAG E . -11.20 -8.83 17.17
O7 NAG E . -7.94 -14.43 14.94
C1 BMA E . -9.41 -8.48 12.67
C2 BMA E . -9.80 -7.05 12.28
C3 BMA E . -10.33 -7.01 10.84
C4 BMA E . -9.32 -7.70 9.89
C5 BMA E . -8.85 -9.06 10.44
C6 BMA E . -7.70 -9.65 9.65
O2 BMA E . -8.66 -6.21 12.39
O3 BMA E . -10.52 -5.64 10.40
O4 BMA E . -9.96 -7.89 8.64
O5 BMA E . -8.39 -8.93 11.79
O6 BMA E . -7.44 -10.99 10.12
C1 MAN E . -6.42 -11.63 9.40
C2 MAN E . -6.37 -13.13 9.75
C3 MAN E . -5.86 -13.32 11.18
C4 MAN E . -4.51 -12.62 11.32
C5 MAN E . -4.66 -11.13 10.96
C6 MAN E . -3.35 -10.36 11.03
O2 MAN E . -5.50 -13.82 8.84
O3 MAN E . -5.72 -14.70 11.45
O4 MAN E . -4.03 -12.75 12.65
O5 MAN E . -5.16 -11.01 9.61
O6 MAN E . -2.57 -10.55 9.86
C1 NAG E . -6.09 -14.32 7.68
C2 NAG E . -5.02 -14.61 6.64
C3 NAG E . -5.66 -15.24 5.41
C4 NAG E . -6.56 -16.43 5.78
C5 NAG E . -7.53 -16.01 6.88
C6 NAG E . -8.45 -17.12 7.40
C7 NAG E . -3.34 -12.91 6.91
C8 NAG E . -2.79 -11.55 6.48
N2 NAG E . -4.41 -13.34 6.27
O3 NAG E . -4.65 -15.65 4.51
O4 NAG E . -7.30 -16.84 4.61
O5 NAG E . -6.79 -15.50 8.02
O6 NAG E . -7.73 -18.24 7.91
O7 NAG E . -2.73 -13.57 7.75
C1 GAL E . -7.39 -18.21 4.34
C2 GAL E . -8.03 -18.42 2.94
C3 GAL E . -7.89 -19.87 2.44
C4 GAL E . -6.46 -20.39 2.63
C5 GAL E . -5.96 -20.12 4.08
C6 GAL E . -4.51 -20.53 4.33
O2 GAL E . -9.42 -18.09 3.00
O3 GAL E . -8.25 -19.94 1.06
O4 GAL E . -5.60 -19.77 1.70
O5 GAL E . -6.05 -18.72 4.38
O6 GAL E . -4.22 -21.85 3.89
C1 MAN E . -11.67 -5.33 9.65
C2 MAN E . -11.51 -3.96 9.01
C3 MAN E . -11.27 -2.94 10.12
C4 MAN E . -12.42 -2.98 11.14
C5 MAN E . -12.77 -4.42 11.59
C6 MAN E . -14.13 -4.52 12.28
O2 MAN E . -12.69 -3.60 8.29
O3 MAN E . -11.19 -1.64 9.54
O4 MAN E . -12.06 -2.20 12.27
O5 MAN E . -12.83 -5.32 10.45
O6 MAN E . -15.18 -4.64 11.33
C1 FUL E . -3.88 -13.77 18.90
C2 FUL E . -3.52 -14.07 20.37
O2 FUL E . -2.43 -14.98 20.42
C3 FUL E . -3.17 -12.79 21.16
O3 FUL E . -4.35 -12.10 21.58
C4 FUL E . -2.25 -11.84 20.38
O4 FUL E . -2.29 -10.56 20.99
C5 FUL E . -2.62 -11.69 18.90
C6 FUL E . -3.83 -10.79 18.65
O5 FUL E . -2.87 -12.97 18.27
C1 NAG F . -18.03 11.47 15.91
C2 NAG F . -17.32 10.14 16.21
C3 NAG F . -15.82 10.34 16.11
C4 NAG F . -15.48 10.81 14.70
C5 NAG F . -16.25 12.12 14.41
C6 NAG F . -16.08 12.58 12.97
C7 NAG F . -18.76 8.93 17.75
C8 NAG F . -19.00 8.44 19.17
N2 NAG F . -17.65 9.63 17.53
O3 NAG F . -15.16 9.13 16.42
O4 NAG F . -14.05 11.05 14.59
O5 NAG F . -17.68 11.93 14.60
O6 NAG F . -16.76 11.64 12.10
O7 NAG F . -19.58 8.68 16.87
C1 NAG F . -13.22 10.04 14.10
C2 NAG F . -11.91 10.66 13.60
C3 NAG F . -10.89 9.60 13.19
C4 NAG F . -10.71 8.57 14.30
C5 NAG F . -12.07 8.04 14.75
C6 NAG F . -12.00 7.07 15.89
C7 NAG F . -12.07 12.85 12.61
C8 NAG F . -12.39 13.72 11.41
N2 NAG F . -12.19 11.53 12.48
O3 NAG F . -9.66 10.23 12.93
O4 NAG F . -9.90 7.45 13.85
O5 NAG F . -12.93 9.14 15.18
O6 NAG F . -11.98 7.76 17.12
O7 NAG F . -11.70 13.38 13.66
C1 BMA F . -8.51 7.54 13.85
C2 BMA F . -7.91 6.13 14.03
C3 BMA F . -6.37 6.17 13.85
C4 BMA F . -6.01 6.86 12.54
C5 BMA F . -6.71 8.22 12.43
C6 BMA F . -6.47 8.87 11.08
O2 BMA F . -8.50 5.24 13.08
O3 BMA F . -5.81 4.83 13.84
O4 BMA F . -4.60 7.03 12.48
O5 BMA F . -8.13 8.06 12.57
O6 BMA F . -7.15 10.15 11.04
C1 MAN F . -6.77 10.91 9.93
C2 MAN F . -7.25 12.35 10.10
C3 MAN F . -8.75 12.40 10.07
C4 MAN F . -9.26 11.79 8.78
C5 MAN F . -8.69 10.38 8.55
C6 MAN F . -8.97 9.90 7.12
O2 MAN F . -6.72 13.15 9.03
O3 MAN F . -9.16 13.75 10.13
O4 MAN F . -10.69 11.73 8.80
O5 MAN F . -7.25 10.36 8.71
O6 MAN F . -7.94 9.05 6.63
C1 NAG F . -5.50 13.72 9.25
C2 NAG F . -4.81 14.03 7.94
C3 NAG F . -3.50 14.78 8.20
C4 NAG F . -3.66 15.93 9.19
C5 NAG F . -4.49 15.52 10.41
C6 NAG F . -4.84 16.68 11.34
C7 NAG F . -5.48 12.22 6.48
C8 NAG F . -5.13 10.92 5.80
N2 NAG F . -4.54 12.78 7.24
O3 NAG F . -3.02 15.30 6.96
O4 NAG F . -2.35 16.34 9.62
O5 NAG F . -5.71 14.92 9.99
O6 NAG F . -5.78 17.57 10.75
O7 NAG F . -6.59 12.74 6.28
C1 GAL F . -2.12 17.70 9.69
C2 GAL F . -0.60 17.97 9.73
C3 GAL F . -0.29 19.47 9.63
C4 GAL F . -1.04 20.09 8.43
C5 GAL F . -2.54 19.73 8.50
C6 GAL F . -3.38 20.27 7.34
O2 GAL F . -0.04 17.47 10.93
O3 GAL F . 1.11 19.65 9.46
O4 GAL F . -0.46 19.61 7.23
O5 GAL F . -2.70 18.30 8.52
O6 GAL F . -4.76 19.94 7.52
C1 MAN F . -5.04 4.45 14.95
C2 MAN F . -4.25 3.18 14.60
C3 MAN F . -5.25 2.05 14.30
C4 MAN F . -6.22 1.85 15.47
C5 MAN F . -6.86 3.19 15.85
C6 MAN F . -7.73 3.14 17.10
O2 MAN F . -3.40 2.80 15.69
O3 MAN F . -4.57 0.84 14.04
O4 MAN F . -7.22 0.93 15.07
O5 MAN F . -5.84 4.19 16.09
O6 MAN F . -8.45 4.37 17.26
C1 FUC F . -17.00 12.09 10.80
C2 FUC F . -18.04 11.18 10.13
C3 FUC F . -17.48 9.79 9.74
C4 FUC F . -15.94 9.80 9.72
C5 FUC F . -15.43 11.12 9.16
C6 FUC F . -13.91 11.13 9.04
O2 FUC F . -18.59 11.80 8.98
O3 FUC F . -17.94 8.80 10.65
O4 FUC F . -15.40 9.58 11.02
O5 FUC F . -15.79 12.23 10.04
#